data_4HHP
#
_entry.id   4HHP
#
_cell.length_a   38.716
_cell.length_b   44.461
_cell.length_c   69.043
_cell.angle_alpha   95.02
_cell.angle_beta   96.08
_cell.angle_gamma   114.69
#
_symmetry.space_group_name_H-M   'P 1'
#
loop_
_entity.id
_entity.type
_entity.pdbx_description
1 polymer 'Triosephosphate isomerase, glycosomal'
2 non-polymer GLYCEROL
3 non-polymer 'SULFATE ION'
4 water water
#
_entity_poly.entity_id   1
_entity_poly.type   'polypeptide(L)'
_entity_poly.pdbx_seq_one_letter_code
;MASKPQPIAAANWKCNGSESLLVPLIETLNAATFDHDVQCVVAPTFLHIPMTKARLTNPKFQIAAQNAITRSGAFTGEVS
LQILKDYGISWVVLGHSERRLYYGDTNEIVAEKVAQACAAGFHVIVCVGETNEEREAGRTAAVVLTQLAAVAQKLSKEAW
SRVVIAYEPVWAIGTGKVATPQQAQEVHELLRRWVRSKLGTDIAAQLRILYGGSVTAKNARTLYQMRDINGFLVGGASLK
PEFVEIIEATK
;
_entity_poly.pdbx_strand_id   A,B
#
loop_
_chem_comp.id
_chem_comp.type
_chem_comp.name
_chem_comp.formula
GOL non-polymer GLYCEROL 'C3 H8 O3'
SO4 non-polymer 'SULFATE ION' 'O4 S -2'
#
# COMPACT_ATOMS: atom_id res chain seq x y z
N SER A 3 30.25 21.52 11.79
CA SER A 3 29.94 20.72 12.97
C SER A 3 28.48 20.24 12.96
N LYS A 4 27.79 20.44 11.84
CA LYS A 4 26.52 19.77 11.60
C LYS A 4 26.86 18.31 11.32
N PRO A 5 25.94 17.38 11.64
CA PRO A 5 26.14 16.00 11.19
C PRO A 5 25.98 15.90 9.67
N GLN A 6 26.25 14.73 9.11
CA GLN A 6 26.08 14.47 7.69
C GLN A 6 24.65 14.82 7.25
N PRO A 7 24.51 15.71 6.26
CA PRO A 7 23.16 16.07 5.80
C PRO A 7 22.50 14.92 5.04
N ILE A 8 21.18 14.99 4.93
CA ILE A 8 20.41 14.08 4.10
C ILE A 8 19.59 14.88 3.11
N ALA A 9 19.63 14.48 1.84
CA ALA A 9 18.71 15.01 0.84
C ALA A 9 17.82 13.88 0.36
N ALA A 10 16.55 13.92 0.73
CA ALA A 10 15.65 12.81 0.48
C ALA A 10 14.54 13.21 -0.46
N ALA A 11 14.27 12.35 -1.43
CA ALA A 11 13.22 12.54 -2.40
C ALA A 11 11.99 11.69 -2.06
N ASN A 12 10.88 12.34 -1.74
CA ASN A 12 9.62 11.63 -1.60
C ASN A 12 8.76 11.77 -2.87
N TRP A 13 8.73 10.73 -3.68
CA TRP A 13 8.00 10.78 -4.93
C TRP A 13 6.50 10.67 -4.71
N LYS A 14 6.08 10.36 -3.48
CA LYS A 14 4.67 10.20 -3.15
C LYS A 14 3.97 9.24 -4.09
N CYS A 15 2.67 9.43 -4.31
CA CYS A 15 1.91 8.53 -5.18
C CYS A 15 1.99 9.02 -6.63
N ASN A 16 3.19 8.93 -7.18
CA ASN A 16 3.50 9.43 -8.52
C ASN A 16 4.53 8.56 -9.19
N GLY A 17 4.50 8.48 -10.52
CA GLY A 17 5.56 7.82 -11.22
C GLY A 17 5.10 6.92 -12.36
N SER A 18 6.06 6.61 -13.23
CA SER A 18 5.86 5.73 -14.37
C SER A 18 7.27 5.50 -14.90
N GLU A 19 7.46 4.48 -15.73
CA GLU A 19 8.80 4.24 -16.25
C GLU A 19 9.28 5.41 -17.11
N SER A 20 8.38 6.01 -17.88
CA SER A 20 8.74 7.14 -18.74
C SER A 20 9.19 8.36 -17.96
N LEU A 21 8.58 8.58 -16.80
CA LEU A 21 8.93 9.71 -15.95
C LEU A 21 10.18 9.44 -15.13
N LEU A 22 10.28 8.23 -14.56
CA LEU A 22 11.32 7.98 -13.57
C LEU A 22 12.70 7.58 -14.12
N VAL A 23 12.73 6.86 -15.24
CA VAL A 23 14.01 6.45 -15.80
C VAL A 23 14.96 7.62 -16.10
N PRO A 24 14.50 8.66 -16.82
CA PRO A 24 15.43 9.76 -17.09
C PRO A 24 15.87 10.45 -15.80
N LEU A 25 14.94 10.54 -14.84
CA LEU A 25 15.25 11.11 -13.53
C LEU A 25 16.34 10.31 -12.82
N ILE A 26 16.20 8.99 -12.81
CA ILE A 26 17.22 8.14 -12.19
C ILE A 26 18.57 8.30 -12.90
N GLU A 27 18.54 8.38 -14.24
CA GLU A 27 19.78 8.47 -15.00
C GLU A 27 20.54 9.77 -14.73
N THR A 28 19.77 10.84 -14.56
CA THR A 28 20.30 12.14 -14.14
C THR A 28 20.99 12.03 -12.78
N LEU A 29 20.32 11.41 -11.82
CA LEU A 29 20.92 11.24 -10.50
C LEU A 29 22.21 10.43 -10.56
N ASN A 30 22.23 9.41 -11.43
CA ASN A 30 23.41 8.59 -11.66
C ASN A 30 24.59 9.41 -12.16
N ALA A 31 24.28 10.48 -12.89
CA ALA A 31 25.30 11.33 -13.49
C ALA A 31 25.76 12.42 -12.53
N ALA A 32 24.93 12.68 -11.52
CA ALA A 32 25.23 13.74 -10.57
C ALA A 32 26.41 13.35 -9.70
N THR A 33 27.37 14.28 -9.60
CA THR A 33 28.46 14.12 -8.65
C THR A 33 28.36 15.19 -7.59
N PHE A 34 28.59 14.81 -6.35
CA PHE A 34 28.70 15.77 -5.28
C PHE A 34 30.10 15.59 -4.72
N ASP A 35 30.72 16.67 -4.26
CA ASP A 35 32.04 16.57 -3.67
C ASP A 35 31.97 16.87 -2.17
N HIS A 36 30.79 16.65 -1.60
CA HIS A 36 30.63 16.75 -0.15
C HIS A 36 29.91 15.53 0.41
N ASP A 37 30.11 15.29 1.70
CA ASP A 37 29.50 14.13 2.36
C ASP A 37 28.01 14.37 2.60
N VAL A 38 27.18 13.63 1.88
CA VAL A 38 25.74 13.78 1.97
C VAL A 38 25.09 12.43 1.71
N GLN A 39 24.13 12.05 2.54
CA GLN A 39 23.35 10.84 2.27
C GLN A 39 22.12 11.20 1.46
N CYS A 40 22.01 10.66 0.25
CA CYS A 40 20.84 10.91 -0.56
C CYS A 40 19.89 9.73 -0.47
N VAL A 41 18.61 10.03 -0.55
CA VAL A 41 17.59 9.00 -0.43
C VAL A 41 16.51 9.25 -1.47
N VAL A 42 16.06 8.20 -2.15
N VAL A 42 16.05 8.19 -2.12
CA VAL A 42 14.87 8.28 -2.97
CA VAL A 42 14.88 8.28 -2.97
C VAL A 42 13.80 7.30 -2.48
C VAL A 42 13.81 7.30 -2.49
N ALA A 43 12.57 7.78 -2.37
CA ALA A 43 11.45 6.94 -1.93
C ALA A 43 10.39 6.81 -3.01
N PRO A 44 10.51 5.77 -3.85
CA PRO A 44 9.50 5.50 -4.88
C PRO A 44 8.27 4.83 -4.29
N THR A 45 7.18 4.76 -5.06
CA THR A 45 6.05 3.91 -4.64
C THR A 45 6.57 2.48 -4.60
N PHE A 46 5.88 1.60 -3.89
CA PHE A 46 6.33 0.22 -3.80
C PHE A 46 6.51 -0.40 -5.18
N LEU A 47 5.60 -0.06 -6.09
CA LEU A 47 5.57 -0.64 -7.43
C LEU A 47 6.82 -0.25 -8.23
N HIS A 48 7.38 0.93 -7.95
CA HIS A 48 8.57 1.40 -8.66
C HIS A 48 9.89 1.14 -7.96
N ILE A 49 9.84 0.55 -6.78
CA ILE A 49 11.09 0.21 -6.09
C ILE A 49 11.99 -0.73 -6.91
N PRO A 50 11.42 -1.81 -7.51
CA PRO A 50 12.28 -2.70 -8.32
C PRO A 50 12.97 -2.00 -9.49
N MET A 51 12.26 -1.18 -10.26
CA MET A 51 12.93 -0.50 -11.37
C MET A 51 14.00 0.45 -10.85
N THR A 52 13.73 1.07 -9.71
CA THR A 52 14.66 2.05 -9.14
C THR A 52 15.91 1.34 -8.62
N LYS A 53 15.74 0.24 -7.90
CA LYS A 53 16.90 -0.53 -7.45
C LYS A 53 17.74 -1.10 -8.59
N ALA A 54 17.11 -1.45 -9.70
CA ALA A 54 17.84 -2.02 -10.81
C ALA A 54 18.70 -0.99 -11.54
N ARG A 55 18.25 0.26 -11.51
CA ARG A 55 18.80 1.33 -12.36
C ARG A 55 19.62 2.38 -11.60
N LEU A 56 19.42 2.51 -10.29
CA LEU A 56 20.12 3.57 -9.55
C LEU A 56 21.50 3.09 -9.15
N THR A 57 22.53 3.73 -9.70
CA THR A 57 23.91 3.31 -9.50
C THR A 57 24.77 4.25 -8.65
N ASN A 58 24.26 5.45 -8.39
CA ASN A 58 24.96 6.43 -7.56
C ASN A 58 25.11 5.93 -6.11
N PRO A 59 26.36 5.69 -5.67
CA PRO A 59 26.66 5.06 -4.38
C PRO A 59 26.25 5.92 -3.19
N LYS A 60 26.00 7.20 -3.42
CA LYS A 60 25.56 8.10 -2.35
C LYS A 60 24.05 8.01 -2.12
N PHE A 61 23.36 7.21 -2.92
CA PHE A 61 21.91 7.05 -2.75
C PHE A 61 21.52 5.74 -2.06
N GLN A 62 20.47 5.83 -1.23
CA GLN A 62 19.78 4.67 -0.68
C GLN A 62 18.33 4.76 -1.11
N ILE A 63 17.69 3.62 -1.30
CA ILE A 63 16.28 3.61 -1.64
C ILE A 63 15.46 3.40 -0.38
N ALA A 64 14.38 4.18 -0.24
CA ALA A 64 13.47 4.03 0.89
C ALA A 64 12.07 3.69 0.44
N ALA A 65 11.36 2.99 1.31
CA ALA A 65 9.91 2.83 1.14
C ALA A 65 9.24 4.03 1.78
N GLN A 66 8.01 4.30 1.34
CA GLN A 66 7.23 5.44 1.79
C GLN A 66 6.36 5.13 3.00
N ASN A 67 6.30 3.83 3.36
CA ASN A 67 5.51 3.32 4.47
C ASN A 67 5.84 1.85 4.60
N ALA A 68 5.49 1.25 5.74
CA ALA A 68 5.52 -0.20 5.91
C ALA A 68 4.66 -0.57 7.11
N ILE A 69 4.19 -1.81 7.16
CA ILE A 69 3.57 -2.32 8.37
C ILE A 69 4.55 -3.25 9.09
N THR A 70 4.19 -3.62 10.31
CA THR A 70 5.18 -4.24 11.19
C THR A 70 5.41 -5.72 10.96
N ARG A 71 4.46 -6.41 10.34
CA ARG A 71 4.55 -7.86 10.25
C ARG A 71 4.00 -8.33 8.92
N SER A 72 4.59 -9.40 8.41
CA SER A 72 3.99 -10.08 7.28
C SER A 72 2.78 -10.89 7.76
N GLY A 73 1.86 -11.17 6.85
CA GLY A 73 0.66 -11.88 7.21
C GLY A 73 -0.55 -11.49 6.40
N ALA A 74 -1.72 -11.66 6.98
CA ALA A 74 -2.97 -11.48 6.27
C ALA A 74 -3.41 -10.02 6.33
N PHE A 75 -2.70 -9.20 5.57
CA PHE A 75 -2.89 -7.75 5.58
C PHE A 75 -2.95 -7.30 4.13
N THR A 76 -4.04 -7.69 3.48
CA THR A 76 -4.19 -7.44 2.05
C THR A 76 -3.97 -5.98 1.70
N GLY A 77 -3.12 -5.75 0.71
CA GLY A 77 -2.82 -4.40 0.29
C GLY A 77 -1.52 -3.82 0.81
N GLU A 78 -1.01 -4.35 1.91
CA GLU A 78 0.12 -3.73 2.60
C GLU A 78 1.47 -4.41 2.35
N VAL A 79 2.53 -3.69 2.65
CA VAL A 79 3.89 -4.22 2.54
C VAL A 79 4.56 -4.14 3.91
N SER A 80 5.12 -5.27 4.36
CA SER A 80 5.78 -5.30 5.66
C SER A 80 7.25 -4.95 5.63
N LEU A 81 7.81 -4.61 6.79
CA LEU A 81 9.24 -4.35 6.93
C LEU A 81 10.07 -5.55 6.53
N GLN A 82 9.58 -6.74 6.89
CA GLN A 82 10.33 -7.94 6.59
C GLN A 82 10.43 -8.18 5.07
N ILE A 83 9.35 -7.92 4.35
CA ILE A 83 9.37 -8.04 2.89
C ILE A 83 10.34 -7.04 2.27
N LEU A 84 10.38 -5.83 2.83
CA LEU A 84 11.30 -4.83 2.31
C LEU A 84 12.75 -5.21 2.57
N LYS A 85 13.03 -5.72 3.76
CA LYS A 85 14.37 -6.12 4.14
C LYS A 85 14.87 -7.25 3.25
N ASP A 86 14.00 -8.21 2.96
CA ASP A 86 14.35 -9.32 2.07
C ASP A 86 14.68 -8.83 0.66
N TYR A 87 14.04 -7.73 0.25
CA TYR A 87 14.29 -7.18 -1.07
C TYR A 87 15.58 -6.36 -1.12
N GLY A 88 16.12 -6.03 0.05
CA GLY A 88 17.34 -5.24 0.12
C GLY A 88 17.12 -3.75 0.40
N ILE A 89 15.92 -3.39 0.85
CA ILE A 89 15.62 -2.00 1.19
C ILE A 89 15.85 -1.81 2.68
N SER A 90 16.64 -0.80 3.04
CA SER A 90 17.02 -0.59 4.43
C SER A 90 16.69 0.80 4.97
N TRP A 91 15.91 1.57 4.22
CA TRP A 91 15.42 2.89 4.66
C TRP A 91 13.90 2.94 4.52
N VAL A 92 13.25 3.68 5.38
CA VAL A 92 11.80 3.78 5.34
C VAL A 92 11.32 5.12 5.91
N VAL A 93 10.34 5.73 5.25
CA VAL A 93 9.67 6.93 5.73
C VAL A 93 8.44 6.49 6.51
N LEU A 94 8.28 7.00 7.74
CA LEU A 94 7.15 6.61 8.59
C LEU A 94 6.50 7.83 9.20
N GLY A 95 5.17 7.80 9.27
CA GLY A 95 4.42 8.85 9.92
C GLY A 95 4.22 10.10 9.10
N HIS A 96 4.32 9.99 7.78
CA HIS A 96 4.14 11.14 6.92
C HIS A 96 2.78 11.77 7.17
N SER A 97 2.72 13.09 7.12
CA SER A 97 1.48 13.80 7.40
C SER A 97 0.29 13.29 6.61
N GLU A 98 0.51 12.89 5.36
CA GLU A 98 -0.60 12.43 4.54
C GLU A 98 -1.19 11.14 5.08
N ARG A 99 -0.35 10.31 5.71
CA ARG A 99 -0.83 9.06 6.29
C ARG A 99 -1.49 9.27 7.63
N ARG A 100 -0.98 10.23 8.39
CA ARG A 100 -1.60 10.59 9.66
C ARG A 100 -3.01 11.15 9.42
N LEU A 101 -3.17 11.90 8.33
CA LEU A 101 -4.45 12.52 7.98
C LEU A 101 -5.45 11.54 7.38
N TYR A 102 -5.05 10.80 6.34
CA TYR A 102 -5.99 10.02 5.53
C TYR A 102 -5.92 8.51 5.68
N TYR A 103 -4.82 8.00 6.23
CA TYR A 103 -4.57 6.56 6.15
C TYR A 103 -4.29 5.84 7.46
N GLY A 104 -4.79 6.41 8.56
CA GLY A 104 -4.80 5.71 9.83
C GLY A 104 -3.50 5.65 10.60
N ASP A 105 -2.52 6.50 10.28
CA ASP A 105 -1.26 6.54 11.03
C ASP A 105 -1.43 7.35 12.32
N THR A 106 -1.92 6.69 13.36
CA THR A 106 -2.02 7.32 14.69
C THR A 106 -0.64 7.36 15.34
N ASN A 107 -0.47 8.15 16.41
CA ASN A 107 0.80 8.16 17.12
C ASN A 107 1.26 6.77 17.54
N GLU A 108 0.34 5.96 18.06
CA GLU A 108 0.71 4.64 18.54
C GLU A 108 1.10 3.71 17.40
N ILE A 109 0.39 3.81 16.28
CA ILE A 109 0.71 2.99 15.11
C ILE A 109 2.07 3.41 14.54
N VAL A 110 2.31 4.72 14.43
CA VAL A 110 3.60 5.20 13.95
C VAL A 110 4.72 4.75 14.89
N ALA A 111 4.51 4.87 16.20
CA ALA A 111 5.56 4.50 17.14
C ALA A 111 5.93 3.03 17.04
N GLU A 112 4.93 2.17 16.85
CA GLU A 112 5.21 0.74 16.70
C GLU A 112 5.91 0.40 15.39
N LYS A 113 5.53 1.08 14.30
CA LYS A 113 6.22 0.91 13.04
C LYS A 113 7.68 1.32 13.17
N VAL A 114 7.93 2.46 13.79
CA VAL A 114 9.31 2.89 14.01
C VAL A 114 10.11 1.94 14.88
N ALA A 115 9.54 1.50 15.99
CA ALA A 115 10.26 0.58 16.86
C ALA A 115 10.65 -0.72 16.13
N GLN A 116 9.74 -1.24 15.34
CA GLN A 116 10.03 -2.47 14.60
C GLN A 116 10.99 -2.24 13.45
N ALA A 117 10.90 -1.09 12.77
CA ALA A 117 11.84 -0.80 11.70
C ALA A 117 13.25 -0.71 12.28
N CYS A 118 13.40 0.02 13.37
CA CYS A 118 14.69 0.12 14.03
C CYS A 118 15.19 -1.24 14.49
N ALA A 119 14.31 -2.08 15.01
CA ALA A 119 14.70 -3.42 15.46
C ALA A 119 15.25 -4.28 14.32
N ALA A 120 14.71 -4.08 13.12
CA ALA A 120 15.07 -4.86 11.95
C ALA A 120 16.26 -4.25 11.19
N GLY A 121 16.85 -3.20 11.75
CA GLY A 121 18.04 -2.61 11.18
C GLY A 121 17.82 -1.47 10.17
N PHE A 122 16.60 -0.99 10.06
CA PHE A 122 16.31 0.09 9.13
C PHE A 122 16.81 1.43 9.62
N HIS A 123 17.19 2.30 8.67
CA HIS A 123 17.20 3.74 8.95
C HIS A 123 15.77 4.23 8.74
N VAL A 124 15.30 5.10 9.62
CA VAL A 124 13.93 5.58 9.56
C VAL A 124 13.87 7.09 9.50
N ILE A 125 13.12 7.62 8.54
CA ILE A 125 12.81 9.05 8.55
C ILE A 125 11.42 9.21 9.19
N VAL A 126 11.41 9.67 10.44
CA VAL A 126 10.18 9.81 11.22
C VAL A 126 9.62 11.21 11.04
N CYS A 127 8.40 11.32 10.54
CA CYS A 127 7.81 12.63 10.24
C CYS A 127 6.91 13.11 11.37
N VAL A 128 7.08 14.38 11.75
CA VAL A 128 6.22 15.06 12.73
C VAL A 128 5.77 16.39 12.14
N GLY A 129 4.69 16.94 12.68
CA GLY A 129 4.19 18.23 12.21
C GLY A 129 2.79 18.57 12.69
N GLU A 130 2.55 19.86 12.88
CA GLU A 130 1.27 20.32 13.40
C GLU A 130 0.39 20.94 12.33
N THR A 131 -0.93 20.81 12.50
CA THR A 131 -1.90 21.41 11.59
C THR A 131 -2.07 22.91 11.86
N ASN A 132 -2.82 23.59 11.00
CA ASN A 132 -3.10 25.01 11.20
C ASN A 132 -3.87 25.29 12.49
N GLU A 133 -4.92 24.51 12.74
CA GLU A 133 -5.68 24.65 13.99
C GLU A 133 -4.78 24.51 15.21
N GLU A 134 -3.87 23.53 15.16
CA GLU A 134 -2.93 23.30 16.25
C GLU A 134 -1.96 24.46 16.43
N ARG A 135 -1.46 24.98 15.31
CA ARG A 135 -0.50 26.09 15.37
C ARG A 135 -1.17 27.33 15.96
N GLU A 136 -2.41 27.58 15.55
CA GLU A 136 -3.13 28.77 15.98
C GLU A 136 -3.62 28.68 17.42
N ALA A 137 -3.70 27.45 17.93
CA ALA A 137 -4.04 27.23 19.34
C ALA A 137 -2.79 27.35 20.21
N GLY A 138 -1.67 27.67 19.57
CA GLY A 138 -0.39 27.76 20.25
C GLY A 138 0.20 26.42 20.66
N ARG A 139 -0.19 25.35 19.97
CA ARG A 139 0.21 23.98 20.36
C ARG A 139 1.35 23.37 19.53
N THR A 140 2.05 24.18 18.73
CA THR A 140 3.15 23.68 17.87
C THR A 140 4.12 22.77 18.61
N ALA A 141 4.72 23.30 19.68
CA ALA A 141 5.67 22.54 20.51
C ALA A 141 5.04 21.28 21.09
N ALA A 142 3.90 21.44 21.74
CA ALA A 142 3.19 20.30 22.35
C ALA A 142 2.90 19.19 21.34
N VAL A 143 2.42 19.54 20.15
CA VAL A 143 2.03 18.53 19.16
C VAL A 143 3.22 17.76 18.59
N VAL A 144 4.24 18.47 18.13
CA VAL A 144 5.40 17.78 17.56
C VAL A 144 6.14 16.98 18.62
N LEU A 145 6.16 17.46 19.86
CA LEU A 145 6.82 16.73 20.92
C LEU A 145 6.01 15.51 21.38
N THR A 146 4.68 15.61 21.28
CA THR A 146 3.83 14.46 21.58
C THR A 146 4.06 13.36 20.55
N GLN A 147 4.16 13.74 19.28
CA GLN A 147 4.41 12.79 18.21
C GLN A 147 5.78 12.15 18.39
N LEU A 148 6.78 12.99 18.68
CA LEU A 148 8.14 12.52 18.85
C LEU A 148 8.29 11.60 20.06
N ALA A 149 7.71 12.02 21.18
CA ALA A 149 7.81 11.24 22.41
C ALA A 149 7.20 9.85 22.28
N ALA A 150 6.13 9.73 21.50
CA ALA A 150 5.51 8.42 21.28
C ALA A 150 6.51 7.46 20.67
N VAL A 151 7.19 7.93 19.63
CA VAL A 151 8.26 7.15 19.01
C VAL A 151 9.42 6.87 19.98
N ALA A 152 9.88 7.91 20.66
CA ALA A 152 11.06 7.82 21.50
C ALA A 152 10.91 6.78 22.61
N GLN A 153 9.70 6.68 23.16
CA GLN A 153 9.42 5.82 24.32
C GLN A 153 9.76 4.36 24.04
N LYS A 154 9.68 3.96 22.78
CA LYS A 154 9.93 2.57 22.43
C LYS A 154 11.38 2.23 22.11
N LEU A 155 12.22 3.24 21.94
CA LEU A 155 13.57 3.02 21.44
C LEU A 155 14.63 3.00 22.54
N SER A 156 15.58 2.08 22.40
CA SER A 156 16.79 2.08 23.22
C SER A 156 17.71 3.15 22.64
N LYS A 157 18.59 3.69 23.48
CA LYS A 157 19.54 4.73 23.06
C LYS A 157 20.27 4.45 21.75
N GLU A 158 20.72 3.21 21.57
CA GLU A 158 21.53 2.86 20.40
C GLU A 158 20.76 2.98 19.08
N ALA A 159 19.45 2.79 19.12
CA ALA A 159 18.62 2.91 17.92
C ALA A 159 18.65 4.30 17.31
N TRP A 160 18.99 5.32 18.09
CA TRP A 160 18.97 6.70 17.57
C TRP A 160 19.98 6.97 16.45
N SER A 161 20.98 6.10 16.34
CA SER A 161 21.98 6.26 15.28
C SER A 161 21.33 6.01 13.93
N ARG A 162 20.17 5.36 13.93
CA ARG A 162 19.45 5.07 12.70
C ARG A 162 18.13 5.83 12.58
N VAL A 163 17.92 6.81 13.44
CA VAL A 163 16.71 7.64 13.42
C VAL A 163 17.03 8.99 12.75
N VAL A 164 16.10 9.48 11.95
CA VAL A 164 16.17 10.81 11.35
C VAL A 164 14.78 11.39 11.54
N ILE A 165 14.69 12.68 11.86
CA ILE A 165 13.38 13.31 12.01
C ILE A 165 13.15 14.22 10.84
N ALA A 166 11.91 14.29 10.36
CA ALA A 166 11.54 15.30 9.38
C ALA A 166 10.40 16.13 9.92
N TYR A 167 10.57 17.45 9.97
CA TYR A 167 9.48 18.34 10.36
C TYR A 167 8.67 18.79 9.15
N GLU A 168 7.37 18.50 9.16
CA GLU A 168 6.47 18.97 8.10
C GLU A 168 5.57 20.04 8.66
N PRO A 169 5.69 21.28 8.16
CA PRO A 169 4.74 22.33 8.55
C PRO A 169 3.37 22.11 7.87
N VAL A 170 2.56 21.22 8.44
CA VAL A 170 1.29 20.84 7.83
C VAL A 170 0.34 22.06 7.76
N TRP A 171 0.52 22.98 8.70
CA TRP A 171 -0.25 24.22 8.77
C TRP A 171 -0.11 25.07 7.51
N ALA A 172 0.94 24.81 6.74
CA ALA A 172 1.26 25.61 5.56
C ALA A 172 0.71 25.04 4.26
N ILE A 173 0.10 23.85 4.31
CA ILE A 173 -0.45 23.28 3.08
C ILE A 173 -1.92 23.64 2.86
N GLY A 174 -2.19 24.30 1.73
CA GLY A 174 -3.54 24.63 1.30
C GLY A 174 -4.32 25.60 2.18
N THR A 175 -3.66 26.23 3.14
CA THR A 175 -4.34 27.05 4.14
C THR A 175 -4.28 28.54 3.85
N GLY A 176 -3.28 28.95 3.06
CA GLY A 176 -2.99 30.35 2.86
C GLY A 176 -1.69 30.73 3.55
N LYS A 177 -1.24 29.86 4.46
CA LYS A 177 -0.03 30.11 5.21
C LYS A 177 1.22 29.66 4.44
N VAL A 178 2.37 30.25 4.78
CA VAL A 178 3.64 29.95 4.13
C VAL A 178 4.75 29.98 5.20
N ALA A 179 5.55 28.91 5.27
CA ALA A 179 6.63 28.84 6.26
C ALA A 179 7.89 29.61 5.82
N THR A 180 8.58 30.24 6.76
CA THR A 180 9.87 30.87 6.49
C THR A 180 10.95 30.01 7.14
N PRO A 181 12.21 30.16 6.70
CA PRO A 181 13.30 29.37 7.28
C PRO A 181 13.43 29.57 8.78
N GLN A 182 13.22 30.81 9.22
CA GLN A 182 13.32 31.11 10.63
C GLN A 182 12.23 30.41 11.46
N GLN A 183 11.06 30.22 10.86
CA GLN A 183 9.98 29.47 11.51
C GLN A 183 10.33 27.99 11.57
N ALA A 184 10.95 27.49 10.50
CA ALA A 184 11.40 26.10 10.49
C ALA A 184 12.47 25.89 11.55
N GLN A 185 13.46 26.79 11.58
CA GLN A 185 14.54 26.73 12.56
C GLN A 185 14.03 26.66 13.99
N GLU A 186 12.99 27.44 14.30
CA GLU A 186 12.42 27.46 15.64
C GLU A 186 11.90 26.07 16.04
N VAL A 187 11.25 25.37 15.12
CA VAL A 187 10.73 24.05 15.43
C VAL A 187 11.85 23.00 15.47
N HIS A 188 12.77 23.06 14.51
CA HIS A 188 13.92 22.13 14.50
C HIS A 188 14.68 22.24 15.82
N GLU A 189 14.81 23.48 16.30
CA GLU A 189 15.57 23.73 17.52
C GLU A 189 14.86 23.15 18.74
N LEU A 190 13.55 23.31 18.84
CA LEU A 190 12.85 22.77 20.01
C LEU A 190 12.78 21.24 19.98
N LEU A 191 12.72 20.66 18.79
CA LEU A 191 12.81 19.21 18.64
C LEU A 191 14.14 18.69 19.15
N ARG A 192 15.23 19.35 18.75
CA ARG A 192 16.56 18.93 19.17
C ARG A 192 16.76 19.11 20.67
N ARG A 193 16.23 20.21 21.22
CA ARG A 193 16.37 20.46 22.65
C ARG A 193 15.68 19.37 23.47
N TRP A 194 14.54 18.88 22.99
CA TRP A 194 13.84 17.79 23.69
C TRP A 194 14.69 16.52 23.65
N VAL A 195 15.23 16.21 22.48
CA VAL A 195 16.10 15.05 22.32
C VAL A 195 17.33 15.19 23.23
N ARG A 196 17.87 16.39 23.33
CA ARG A 196 18.99 16.66 24.23
C ARG A 196 18.62 16.34 25.67
N SER A 197 17.40 16.74 26.06
CA SER A 197 16.93 16.58 27.44
C SER A 197 16.67 15.13 27.82
N LYS A 198 16.40 14.29 26.82
CA LYS A 198 16.04 12.90 27.06
C LYS A 198 17.21 11.94 26.87
N LEU A 199 18.02 12.21 25.86
CA LEU A 199 18.98 11.24 25.39
C LEU A 199 20.42 11.72 25.48
N GLY A 200 20.58 13.01 25.73
CA GLY A 200 21.91 13.55 25.95
C GLY A 200 22.44 14.38 24.80
N THR A 201 23.53 15.08 25.05
CA THR A 201 24.07 16.02 24.08
C THR A 201 24.58 15.37 22.79
N ASP A 202 25.19 14.20 22.89
CA ASP A 202 25.77 13.54 21.72
C ASP A 202 24.69 13.09 20.74
N ILE A 203 23.65 12.44 21.25
CA ILE A 203 22.56 11.98 20.39
C ILE A 203 21.89 13.19 19.71
N ALA A 204 21.68 14.27 20.47
CA ALA A 204 21.05 15.47 19.91
C ALA A 204 21.89 16.11 18.82
N ALA A 205 23.21 16.17 19.02
CA ALA A 205 24.08 16.86 18.08
C ALA A 205 24.24 16.09 16.78
N GLN A 206 24.20 14.77 16.86
CA GLN A 206 24.38 13.91 15.68
C GLN A 206 23.07 13.62 14.95
N LEU A 207 21.94 13.94 15.58
CA LEU A 207 20.62 13.69 15.00
C LEU A 207 20.38 14.58 13.79
N ARG A 208 19.96 13.98 12.67
CA ARG A 208 19.57 14.77 11.51
C ARG A 208 18.11 15.13 11.64
N ILE A 209 17.82 16.42 11.56
CA ILE A 209 16.44 16.86 11.52
C ILE A 209 16.25 17.58 10.19
N LEU A 210 15.46 16.98 9.31
CA LEU A 210 15.27 17.48 7.96
C LEU A 210 14.03 18.34 7.85
N TYR A 211 14.07 19.35 6.98
CA TYR A 211 12.90 20.17 6.71
C TYR A 211 12.05 19.51 5.63
N GLY A 212 10.75 19.37 5.90
CA GLY A 212 9.84 18.67 5.01
C GLY A 212 8.68 19.52 4.51
N GLY A 213 8.86 20.84 4.55
CA GLY A 213 7.92 21.73 3.91
C GLY A 213 8.30 21.84 2.45
N SER A 214 7.82 22.88 1.79
CA SER A 214 8.08 23.06 0.36
C SER A 214 9.53 23.46 0.11
N VAL A 215 10.27 22.59 -0.56
CA VAL A 215 11.68 22.82 -0.83
C VAL A 215 11.91 22.87 -2.33
N THR A 216 12.58 23.92 -2.80
CA THR A 216 12.87 24.09 -4.23
C THR A 216 14.34 24.44 -4.41
N ALA A 217 14.81 24.50 -5.65
CA ALA A 217 16.18 24.95 -5.89
C ALA A 217 16.30 26.42 -5.47
N LYS A 218 15.19 27.15 -5.53
CA LYS A 218 15.17 28.57 -5.15
C LYS A 218 15.38 28.85 -3.65
N ASN A 219 14.82 27.99 -2.79
CA ASN A 219 14.89 28.26 -1.36
C ASN A 219 15.80 27.33 -0.54
N ALA A 220 16.35 26.30 -1.17
CA ALA A 220 17.09 25.28 -0.42
C ALA A 220 18.34 25.84 0.28
N ARG A 221 19.04 26.78 -0.37
CA ARG A 221 20.28 27.27 0.20
C ARG A 221 19.99 28.04 1.49
N THR A 222 18.95 28.88 1.47
CA THR A 222 18.63 29.69 2.63
C THR A 222 18.08 28.83 3.78
N LEU A 223 17.41 27.73 3.45
CA LEU A 223 16.91 26.85 4.51
C LEU A 223 18.07 26.11 5.16
N TYR A 224 19.02 25.65 4.36
CA TYR A 224 20.14 24.90 4.92
C TYR A 224 21.07 25.78 5.77
N GLN A 225 20.96 27.10 5.60
CA GLN A 225 21.75 28.02 6.42
C GLN A 225 21.34 27.98 7.89
N MET A 226 20.11 27.56 8.15
CA MET A 226 19.59 27.53 9.53
C MET A 226 20.36 26.47 10.34
N ARG A 227 20.70 26.83 11.57
CA ARG A 227 21.63 26.04 12.37
C ARG A 227 21.15 24.61 12.69
N ASP A 228 19.84 24.43 12.79
CA ASP A 228 19.30 23.12 13.22
C ASP A 228 18.62 22.37 12.08
N ILE A 229 18.83 22.81 10.84
CA ILE A 229 18.29 22.12 9.67
C ILE A 229 19.39 21.28 9.00
N ASN A 230 19.15 19.98 8.84
CA ASN A 230 20.19 19.05 8.36
C ASN A 230 19.91 18.47 6.98
N GLY A 231 19.03 19.12 6.23
CA GLY A 231 18.69 18.64 4.91
C GLY A 231 17.19 18.66 4.73
N PHE A 232 16.69 17.84 3.82
CA PHE A 232 15.33 18.01 3.33
C PHE A 232 14.66 16.69 3.04
N LEU A 233 13.35 16.67 3.24
CA LEU A 233 12.49 15.64 2.69
C LEU A 233 11.66 16.37 1.65
N VAL A 234 12.00 16.15 0.38
CA VAL A 234 11.49 16.98 -0.71
C VAL A 234 10.31 16.33 -1.42
N GLY A 235 9.26 17.11 -1.64
CA GLY A 235 8.10 16.66 -2.39
C GLY A 235 8.22 16.86 -3.90
N GLY A 236 7.39 17.75 -4.43
CA GLY A 236 7.25 17.94 -5.87
C GLY A 236 8.54 18.13 -6.66
N ALA A 237 9.50 18.85 -6.10
CA ALA A 237 10.73 19.14 -6.82
C ALA A 237 11.63 17.94 -7.00
N SER A 238 11.37 16.88 -6.25
CA SER A 238 12.18 15.67 -6.33
C SER A 238 11.80 14.83 -7.54
N LEU A 239 10.72 15.20 -8.22
CA LEU A 239 10.31 14.53 -9.46
C LEU A 239 10.86 15.27 -10.68
N LYS A 240 11.78 16.20 -10.42
CA LYS A 240 12.31 17.07 -11.44
C LYS A 240 13.84 17.07 -11.39
N PRO A 241 14.49 17.42 -12.50
CA PRO A 241 15.95 17.49 -12.52
C PRO A 241 16.50 18.50 -11.50
N GLU A 242 15.68 19.49 -11.12
CA GLU A 242 16.12 20.51 -10.16
C GLU A 242 16.52 19.91 -8.81
N PHE A 243 16.20 18.63 -8.60
CA PHE A 243 16.51 17.99 -7.34
C PHE A 243 18.02 17.96 -7.10
N VAL A 244 18.79 17.80 -8.18
CA VAL A 244 20.25 17.80 -8.07
C VAL A 244 20.77 19.07 -7.42
N GLU A 245 20.19 20.21 -7.78
CA GLU A 245 20.61 21.47 -7.20
C GLU A 245 20.21 21.56 -5.73
N ILE A 246 19.11 20.90 -5.38
CA ILE A 246 18.70 20.85 -3.97
C ILE A 246 19.72 20.08 -3.15
N ILE A 247 20.20 18.94 -3.67
CA ILE A 247 21.27 18.19 -3.02
C ILE A 247 22.51 19.06 -2.86
N GLU A 248 22.78 19.88 -3.87
CA GLU A 248 23.95 20.76 -3.87
C GLU A 248 23.86 21.80 -2.75
N ALA A 249 22.63 22.17 -2.40
CA ALA A 249 22.42 23.18 -1.35
C ALA A 249 22.72 22.68 0.06
N THR A 250 23.09 21.41 0.21
CA THR A 250 23.42 20.86 1.52
C THR A 250 24.92 20.88 1.78
N LYS A 251 25.62 21.61 0.90
CA LYS A 251 27.07 21.80 1.02
C LYS A 251 27.38 22.62 2.27
N ALA B 2 -28.88 -20.59 -15.37
CA ALA B 2 -28.14 -20.73 -16.62
C ALA B 2 -26.80 -21.45 -16.37
N SER B 3 -26.17 -21.89 -17.45
CA SER B 3 -24.82 -22.46 -17.37
C SER B 3 -23.88 -21.43 -16.76
N LYS B 4 -22.86 -21.92 -16.07
CA LYS B 4 -21.90 -21.04 -15.41
C LYS B 4 -21.06 -20.31 -16.44
N PRO B 5 -20.70 -19.06 -16.17
CA PRO B 5 -19.72 -18.36 -17.00
C PRO B 5 -18.32 -18.91 -16.75
N GLN B 6 -17.35 -18.32 -17.43
CA GLN B 6 -15.95 -18.71 -17.26
C GLN B 6 -15.54 -18.59 -15.80
N PRO B 7 -15.00 -19.67 -15.23
CA PRO B 7 -14.61 -19.60 -13.82
C PRO B 7 -13.34 -18.79 -13.62
N ILE B 8 -13.13 -18.35 -12.37
CA ILE B 8 -11.90 -17.65 -12.01
C ILE B 8 -11.25 -18.33 -10.82
N ALA B 9 -9.94 -18.55 -10.91
CA ALA B 9 -9.17 -19.04 -9.76
C ALA B 9 -8.14 -17.99 -9.43
N ALA B 10 -8.34 -17.28 -8.32
CA ALA B 10 -7.51 -16.13 -7.97
C ALA B 10 -6.71 -16.40 -6.68
N ALA B 11 -5.41 -16.11 -6.75
CA ALA B 11 -4.48 -16.26 -5.62
C ALA B 11 -4.27 -14.90 -4.96
N ASN B 12 -4.64 -14.78 -3.68
CA ASN B 12 -4.34 -13.58 -2.92
C ASN B 12 -3.17 -13.85 -2.00
N TRP B 13 -1.99 -13.40 -2.40
CA TRP B 13 -0.78 -13.66 -1.63
C TRP B 13 -0.71 -12.82 -0.35
N LYS B 14 -1.62 -11.86 -0.22
CA LYS B 14 -1.66 -10.94 0.92
C LYS B 14 -0.28 -10.32 1.20
N CYS B 15 0.03 -10.01 2.45
CA CYS B 15 1.30 -9.38 2.77
C CYS B 15 2.36 -10.45 3.05
N ASN B 16 2.73 -11.17 1.99
CA ASN B 16 3.71 -12.26 2.05
C ASN B 16 4.52 -12.28 0.77
N GLY B 17 5.79 -12.68 0.87
CA GLY B 17 6.55 -12.87 -0.34
C GLY B 17 8.03 -12.58 -0.18
N SER B 18 8.81 -13.24 -1.03
CA SER B 18 10.25 -13.06 -1.12
C SER B 18 10.61 -13.86 -2.35
N GLU B 19 11.81 -13.66 -2.89
CA GLU B 19 12.22 -14.42 -4.05
C GLU B 19 12.20 -15.91 -3.76
N SER B 20 12.66 -16.28 -2.57
CA SER B 20 12.75 -17.70 -2.22
C SER B 20 11.39 -18.38 -2.11
N LEU B 21 10.38 -17.64 -1.64
CA LEU B 21 9.03 -18.19 -1.52
C LEU B 21 8.28 -18.18 -2.84
N LEU B 22 8.35 -17.06 -3.54
CA LEU B 22 7.46 -16.83 -4.67
C LEU B 22 7.94 -17.43 -5.97
N VAL B 23 9.24 -17.40 -6.23
CA VAL B 23 9.75 -17.98 -7.48
C VAL B 23 9.35 -19.45 -7.65
N PRO B 24 9.49 -20.29 -6.61
CA PRO B 24 9.05 -21.68 -6.77
C PRO B 24 7.57 -21.77 -7.15
N LEU B 25 6.74 -20.92 -6.55
CA LEU B 25 5.32 -20.92 -6.86
C LEU B 25 5.05 -20.51 -8.30
N ILE B 26 5.73 -19.46 -8.76
CA ILE B 26 5.60 -18.96 -10.14
C ILE B 26 6.01 -20.04 -11.15
N GLU B 27 7.08 -20.76 -10.85
CA GLU B 27 7.53 -21.82 -11.77
C GLU B 27 6.61 -23.05 -11.75
N THR B 28 6.01 -23.33 -10.60
CA THR B 28 5.01 -24.39 -10.56
C THR B 28 3.82 -24.05 -11.47
N LEU B 29 3.41 -22.78 -11.47
CA LEU B 29 2.32 -22.34 -12.33
C LEU B 29 2.72 -22.31 -13.80
N ASN B 30 3.98 -21.96 -14.10
CA ASN B 30 4.45 -21.95 -15.48
C ASN B 30 4.49 -23.37 -16.02
N ALA B 31 4.68 -24.34 -15.13
CA ALA B 31 4.79 -25.73 -15.53
C ALA B 31 3.45 -26.47 -15.55
N ALA B 32 2.40 -25.82 -15.04
CA ALA B 32 1.07 -26.44 -14.94
C ALA B 32 0.43 -26.68 -16.32
N THR B 33 -0.31 -27.78 -16.41
CA THR B 33 -0.79 -28.31 -17.69
C THR B 33 -2.28 -28.07 -17.97
N PHE B 34 -3.01 -27.58 -16.97
CA PHE B 34 -4.45 -27.35 -17.15
C PHE B 34 -4.77 -26.53 -18.41
N ASP B 35 -5.84 -26.92 -19.11
CA ASP B 35 -6.10 -26.37 -20.42
C ASP B 35 -7.58 -26.06 -20.67
N HIS B 36 -8.40 -26.16 -19.64
CA HIS B 36 -9.81 -25.80 -19.75
C HIS B 36 -9.94 -24.28 -19.71
N ASP B 37 -11.14 -23.77 -19.98
CA ASP B 37 -11.35 -22.31 -19.95
C ASP B 37 -11.49 -21.82 -18.52
N VAL B 38 -10.47 -21.13 -18.06
CA VAL B 38 -10.47 -20.56 -16.71
C VAL B 38 -9.60 -19.31 -16.73
N GLN B 39 -10.07 -18.25 -16.07
CA GLN B 39 -9.23 -17.08 -15.85
C GLN B 39 -8.52 -17.22 -14.51
N CYS B 40 -7.20 -17.35 -14.55
CA CYS B 40 -6.42 -17.38 -13.33
C CYS B 40 -5.87 -16.00 -13.02
N VAL B 41 -5.79 -15.70 -11.73
CA VAL B 41 -5.33 -14.41 -11.27
C VAL B 41 -4.36 -14.62 -10.12
N VAL B 42 -3.25 -13.89 -10.14
N VAL B 42 -3.25 -13.88 -10.12
CA VAL B 42 -2.36 -13.84 -8.99
CA VAL B 42 -2.36 -13.85 -8.97
C VAL B 42 -2.23 -12.39 -8.53
C VAL B 42 -2.19 -12.41 -8.53
N ALA B 43 -2.37 -12.19 -7.22
CA ALA B 43 -2.25 -10.86 -6.62
C ALA B 43 -1.09 -10.79 -5.63
N PRO B 44 0.09 -10.39 -6.13
CA PRO B 44 1.27 -10.21 -5.27
C PRO B 44 1.17 -8.87 -4.54
N THR B 45 2.03 -8.64 -3.56
CA THR B 45 2.20 -7.28 -3.04
C THR B 45 2.71 -6.39 -4.17
N PHE B 46 2.54 -5.09 -4.00
CA PHE B 46 3.00 -4.15 -5.02
C PHE B 46 4.49 -4.35 -5.31
N LEU B 47 5.27 -4.61 -4.27
CA LEU B 47 6.72 -4.80 -4.41
C LEU B 47 7.09 -5.99 -5.30
N HIS B 48 6.25 -7.01 -5.28
CA HIS B 48 6.50 -8.24 -6.04
C HIS B 48 5.80 -8.29 -7.38
N ILE B 49 5.02 -7.26 -7.70
CA ILE B 49 4.38 -7.21 -9.01
C ILE B 49 5.38 -7.22 -10.16
N PRO B 50 6.46 -6.41 -10.06
CA PRO B 50 7.40 -6.44 -11.20
C PRO B 50 8.03 -7.81 -11.47
N MET B 51 8.47 -8.51 -10.44
CA MET B 51 9.06 -9.83 -10.61
CA MET B 51 9.07 -9.82 -10.66
C MET B 51 8.03 -10.81 -11.18
N THR B 52 6.81 -10.73 -10.66
CA THR B 52 5.79 -11.68 -11.07
C THR B 52 5.42 -11.46 -12.52
N LYS B 53 5.31 -10.20 -12.93
CA LYS B 53 4.98 -9.90 -14.32
C LYS B 53 6.05 -10.41 -15.27
N ALA B 54 7.30 -10.26 -14.86
CA ALA B 54 8.40 -10.67 -15.72
C ALA B 54 8.53 -12.19 -15.80
N ARG B 55 8.18 -12.90 -14.74
CA ARG B 55 8.45 -14.33 -14.65
C ARG B 55 7.28 -15.24 -14.99
N LEU B 56 6.06 -14.76 -14.77
CA LEU B 56 4.87 -15.58 -14.99
C LEU B 56 4.49 -15.52 -16.46
N THR B 57 4.63 -16.65 -17.14
CA THR B 57 4.48 -16.69 -18.59
C THR B 57 3.28 -17.51 -19.02
N ASN B 58 2.64 -18.19 -18.07
CA ASN B 58 1.43 -18.94 -18.35
C ASN B 58 0.33 -17.95 -18.74
N PRO B 59 -0.14 -18.00 -20.00
CA PRO B 59 -1.03 -16.98 -20.53
C PRO B 59 -2.43 -17.06 -19.92
N LYS B 60 -2.73 -18.14 -19.20
CA LYS B 60 -4.02 -18.20 -18.51
C LYS B 60 -4.06 -17.31 -17.25
N PHE B 61 -2.94 -16.70 -16.90
CA PHE B 61 -2.86 -15.83 -15.71
C PHE B 61 -2.86 -14.33 -16.04
N GLN B 62 -3.57 -13.56 -15.21
CA GLN B 62 -3.44 -12.10 -15.16
C GLN B 62 -2.93 -11.73 -13.78
N ILE B 63 -2.17 -10.65 -13.70
CA ILE B 63 -1.69 -10.16 -12.42
C ILE B 63 -2.61 -9.07 -11.89
N ALA B 64 -2.91 -9.15 -10.60
CA ALA B 64 -3.77 -8.16 -9.96
C ALA B 64 -3.01 -7.46 -8.86
N ALA B 65 -3.41 -6.21 -8.60
CA ALA B 65 -3.00 -5.54 -7.38
C ALA B 65 -3.98 -5.90 -6.27
N GLN B 66 -3.52 -5.81 -5.02
CA GLN B 66 -4.35 -6.16 -3.84
C GLN B 66 -5.18 -5.00 -3.30
N ASN B 67 -4.94 -3.80 -3.85
CA ASN B 67 -5.61 -2.57 -3.46
C ASN B 67 -5.15 -1.49 -4.41
N ALA B 68 -5.86 -0.36 -4.45
CA ALA B 68 -5.36 0.82 -5.14
C ALA B 68 -6.14 2.02 -4.66
N ILE B 69 -5.59 3.21 -4.86
CA ILE B 69 -6.35 4.43 -4.64
C ILE B 69 -6.77 5.05 -5.98
N THR B 70 -7.65 6.05 -5.89
CA THR B 70 -8.32 6.53 -7.10
C THR B 70 -7.53 7.50 -7.97
N ARG B 71 -6.50 8.12 -7.42
CA ARG B 71 -5.73 9.06 -8.22
C ARG B 71 -4.30 9.18 -7.72
N SER B 72 -3.39 9.49 -8.64
CA SER B 72 -2.02 9.84 -8.27
C SER B 72 -1.98 11.21 -7.59
N GLY B 73 -0.91 11.45 -6.83
CA GLY B 73 -0.77 12.73 -6.14
C GLY B 73 -0.13 12.57 -4.78
N ALA B 74 -0.42 13.51 -3.89
CA ALA B 74 0.23 13.61 -2.60
C ALA B 74 -0.40 12.64 -1.59
N PHE B 75 -0.20 11.35 -1.86
CA PHE B 75 -0.75 10.28 -1.03
C PHE B 75 0.34 9.29 -0.66
N THR B 76 1.26 9.78 0.17
CA THR B 76 2.47 9.05 0.54
C THR B 76 2.15 7.64 1.02
N GLY B 77 2.82 6.66 0.41
CA GLY B 77 2.65 5.26 0.77
C GLY B 77 1.69 4.47 -0.07
N GLU B 78 0.83 5.16 -0.82
CA GLU B 78 -0.21 4.50 -1.62
C GLU B 78 0.16 4.34 -3.11
N VAL B 79 -0.53 3.43 -3.78
CA VAL B 79 -0.38 3.22 -5.23
C VAL B 79 -1.71 3.46 -5.90
N SER B 80 -1.71 4.25 -6.98
CA SER B 80 -2.97 4.59 -7.64
C SER B 80 -3.30 3.66 -8.81
N LEU B 81 -4.58 3.68 -9.18
CA LEU B 81 -5.02 2.92 -10.37
C LEU B 81 -4.27 3.33 -11.63
N GLN B 82 -3.99 4.61 -11.73
CA GLN B 82 -3.28 5.13 -12.94
CA GLN B 82 -3.28 5.02 -12.92
C GLN B 82 -1.82 4.62 -13.05
N ILE B 83 -1.18 4.53 -11.91
CA ILE B 83 0.18 4.02 -11.84
C ILE B 83 0.20 2.53 -12.23
N LEU B 84 -0.78 1.79 -11.73
CA LEU B 84 -0.90 0.36 -12.08
C LEU B 84 -1.21 0.16 -13.57
N LYS B 85 -2.08 1.03 -14.12
CA LYS B 85 -2.50 0.93 -15.52
C LYS B 85 -1.31 1.18 -16.41
N ASP B 86 -0.50 2.15 -16.05
CA ASP B 86 0.71 2.48 -16.79
CA ASP B 86 0.72 2.41 -16.75
C ASP B 86 1.81 1.34 -16.75
N TYR B 87 1.71 0.57 -15.66
CA TYR B 87 2.60 -0.56 -15.54
C TYR B 87 2.10 -1.79 -16.32
N GLY B 88 0.85 -1.74 -16.80
CA GLY B 88 0.29 -2.88 -17.51
C GLY B 88 -0.52 -3.85 -16.66
N ILE B 89 -0.96 -3.40 -15.49
CA ILE B 89 -1.81 -4.20 -14.61
C ILE B 89 -3.26 -3.82 -14.85
N SER B 90 -4.12 -4.82 -15.07
CA SER B 90 -5.50 -4.54 -15.44
C SER B 90 -6.52 -5.29 -14.58
N TRP B 91 -6.04 -5.89 -13.49
CA TRP B 91 -6.92 -6.51 -12.50
C TRP B 91 -6.62 -5.93 -11.12
N VAL B 92 -7.63 -5.80 -10.28
CA VAL B 92 -7.44 -5.30 -8.93
C VAL B 92 -8.48 -5.88 -7.98
N VAL B 93 -8.02 -6.22 -6.78
CA VAL B 93 -8.86 -6.65 -5.68
C VAL B 93 -9.21 -5.45 -4.83
N LEU B 94 -10.50 -5.25 -4.58
CA LEU B 94 -10.96 -4.09 -3.79
C LEU B 94 -11.96 -4.50 -2.73
N GLY B 95 -11.87 -3.85 -1.57
CA GLY B 95 -12.77 -4.11 -0.46
C GLY B 95 -12.51 -5.37 0.32
N HIS B 96 -11.30 -5.90 0.27
CA HIS B 96 -11.00 -7.10 1.05
C HIS B 96 -11.34 -6.88 2.51
N SER B 97 -11.83 -7.94 3.17
CA SER B 97 -12.23 -7.87 4.57
C SER B 97 -11.16 -7.30 5.49
N GLU B 98 -9.91 -7.63 5.22
CA GLU B 98 -8.81 -7.14 6.03
C GLU B 98 -8.67 -5.61 5.91
N ARG B 99 -8.96 -5.09 4.73
CA ARG B 99 -8.91 -3.63 4.56
C ARG B 99 -10.12 -2.93 5.17
N ARG B 100 -11.29 -3.56 5.07
CA ARG B 100 -12.50 -3.01 5.69
C ARG B 100 -12.34 -2.95 7.21
N LEU B 101 -11.70 -3.97 7.76
CA LEU B 101 -11.49 -4.03 9.21
C LEU B 101 -10.37 -3.12 9.70
N TYR B 102 -9.23 -3.13 9.03
CA TYR B 102 -8.03 -2.51 9.59
C TYR B 102 -7.48 -1.29 8.87
N TYR B 103 -7.84 -1.10 7.61
CA TYR B 103 -7.16 -0.09 6.79
C TYR B 103 -8.10 0.90 6.13
N GLY B 104 -9.23 1.17 6.78
CA GLY B 104 -10.12 2.25 6.39
C GLY B 104 -10.94 2.10 5.11
N ASP B 105 -11.15 0.88 4.63
CA ASP B 105 -12.01 0.68 3.46
C ASP B 105 -13.50 0.70 3.85
N THR B 106 -14.07 1.89 3.98
CA THR B 106 -15.50 1.97 4.26
C THR B 106 -16.29 1.63 3.01
N ASN B 107 -17.59 1.39 3.15
CA ASN B 107 -18.43 1.04 2.00
C ASN B 107 -18.32 2.07 0.89
N GLU B 108 -18.32 3.35 1.26
CA GLU B 108 -18.29 4.40 0.26
C GLU B 108 -16.92 4.52 -0.40
N ILE B 109 -15.86 4.33 0.38
CA ILE B 109 -14.51 4.38 -0.17
C ILE B 109 -14.28 3.22 -1.14
N VAL B 110 -14.74 2.03 -0.78
CA VAL B 110 -14.68 0.90 -1.72
C VAL B 110 -15.46 1.18 -3.00
N ALA B 111 -16.67 1.71 -2.85
CA ALA B 111 -17.47 2.07 -4.03
C ALA B 111 -16.76 3.03 -4.97
N GLU B 112 -16.09 4.06 -4.45
CA GLU B 112 -15.40 5.00 -5.34
CA GLU B 112 -15.41 4.98 -5.38
C GLU B 112 -14.19 4.33 -6.00
N LYS B 113 -13.48 3.48 -5.26
CA LYS B 113 -12.37 2.75 -5.87
C LYS B 113 -12.85 1.85 -7.02
N VAL B 114 -13.95 1.13 -6.82
CA VAL B 114 -14.46 0.23 -7.85
C VAL B 114 -14.91 1.03 -9.08
N ALA B 115 -15.59 2.14 -8.85
CA ALA B 115 -16.10 2.95 -9.97
C ALA B 115 -14.94 3.47 -10.79
N GLN B 116 -13.91 3.98 -10.13
N GLN B 116 -13.91 3.96 -10.13
CA GLN B 116 -12.73 4.48 -10.84
CA GLN B 116 -12.76 4.48 -10.86
C GLN B 116 -12.00 3.37 -11.57
C GLN B 116 -11.95 3.39 -11.54
N ALA B 117 -11.86 2.22 -10.92
CA ALA B 117 -11.17 1.09 -11.51
C ALA B 117 -11.84 0.65 -12.81
N CYS B 118 -13.16 0.52 -12.78
CA CYS B 118 -13.90 0.13 -13.97
C CYS B 118 -13.74 1.16 -15.09
N ALA B 119 -13.71 2.45 -14.73
CA ALA B 119 -13.54 3.52 -15.71
C ALA B 119 -12.13 3.50 -16.30
N ALA B 120 -11.18 2.97 -15.56
CA ALA B 120 -9.78 2.92 -16.00
C ALA B 120 -9.47 1.61 -16.75
N GLY B 121 -10.52 0.84 -17.06
CA GLY B 121 -10.38 -0.40 -17.80
C GLY B 121 -10.05 -1.68 -17.04
N PHE B 122 -10.05 -1.61 -15.71
CA PHE B 122 -9.73 -2.77 -14.89
C PHE B 122 -10.88 -3.78 -14.82
N HIS B 123 -10.53 -5.05 -14.65
CA HIS B 123 -11.44 -6.02 -14.06
C HIS B 123 -11.23 -5.90 -12.55
N VAL B 124 -12.32 -5.96 -11.80
CA VAL B 124 -12.29 -5.74 -10.35
C VAL B 124 -12.91 -6.92 -9.62
N ILE B 125 -12.16 -7.48 -8.67
CA ILE B 125 -12.72 -8.45 -7.73
C ILE B 125 -13.19 -7.68 -6.49
N VAL B 126 -14.48 -7.42 -6.37
N VAL B 126 -14.50 -7.49 -6.39
CA VAL B 126 -14.96 -6.66 -5.23
CA VAL B 126 -15.12 -6.74 -5.29
C VAL B 126 -15.45 -7.62 -4.15
C VAL B 126 -15.43 -7.71 -4.14
N CYS B 127 -14.91 -7.43 -2.95
CA CYS B 127 -15.08 -8.36 -1.83
C CYS B 127 -16.17 -7.87 -0.92
N VAL B 128 -17.02 -8.80 -0.51
CA VAL B 128 -18.06 -8.53 0.47
C VAL B 128 -18.07 -9.67 1.49
N GLY B 129 -18.64 -9.42 2.65
CA GLY B 129 -18.78 -10.48 3.64
C GLY B 129 -19.07 -9.98 5.03
N GLU B 130 -19.73 -10.83 5.83
CA GLU B 130 -20.18 -10.44 7.17
C GLU B 130 -19.36 -11.14 8.27
N THR B 131 -19.27 -10.46 9.42
CA THR B 131 -18.54 -10.98 10.59
C THR B 131 -19.38 -12.01 11.35
N ASN B 132 -18.75 -12.66 12.32
CA ASN B 132 -19.44 -13.58 13.21
C ASN B 132 -20.56 -12.87 13.97
N GLU B 133 -20.30 -11.65 14.46
CA GLU B 133 -21.33 -10.89 15.17
C GLU B 133 -22.50 -10.56 14.28
N GLU B 134 -22.20 -10.20 13.02
CA GLU B 134 -23.25 -9.84 12.09
C GLU B 134 -24.11 -11.04 11.70
N ARG B 135 -23.48 -12.19 11.51
N ARG B 135 -23.48 -12.19 11.49
CA ARG B 135 -24.21 -13.40 11.17
CA ARG B 135 -24.23 -13.39 11.17
C ARG B 135 -25.13 -13.82 12.32
C ARG B 135 -25.14 -13.83 12.32
N GLU B 136 -24.63 -13.70 13.55
CA GLU B 136 -25.41 -14.12 14.72
C GLU B 136 -26.64 -13.25 14.89
N ALA B 137 -26.48 -11.99 14.50
CA ALA B 137 -27.55 -11.01 14.59
C ALA B 137 -28.55 -11.18 13.45
N GLY B 138 -28.32 -12.18 12.60
CA GLY B 138 -29.22 -12.44 11.48
C GLY B 138 -29.02 -11.46 10.34
N ARG B 139 -27.83 -10.86 10.24
CA ARG B 139 -27.61 -9.78 9.28
C ARG B 139 -26.74 -10.16 8.08
N THR B 140 -26.64 -11.46 7.78
CA THR B 140 -25.87 -11.90 6.62
C THR B 140 -26.29 -11.20 5.33
N ALA B 141 -27.56 -11.32 4.96
CA ALA B 141 -28.04 -10.67 3.74
C ALA B 141 -27.93 -9.15 3.86
N ALA B 142 -28.28 -8.63 5.03
CA ALA B 142 -28.24 -7.18 5.24
C ALA B 142 -26.86 -6.60 4.95
N VAL B 143 -25.84 -7.24 5.50
CA VAL B 143 -24.47 -6.71 5.39
C VAL B 143 -23.93 -6.85 3.98
N VAL B 144 -24.03 -8.04 3.38
CA VAL B 144 -23.47 -8.18 2.03
C VAL B 144 -24.22 -7.35 0.98
N LEU B 145 -25.53 -7.20 1.13
CA LEU B 145 -26.26 -6.37 0.18
C LEU B 145 -26.00 -4.88 0.40
N THR B 146 -25.75 -4.47 1.64
CA THR B 146 -25.39 -3.08 1.89
C THR B 146 -24.05 -2.78 1.25
N GLN B 147 -23.09 -3.69 1.38
CA GLN B 147 -21.76 -3.49 0.82
C GLN B 147 -21.84 -3.47 -0.73
N LEU B 148 -22.59 -4.40 -1.29
CA LEU B 148 -22.66 -4.50 -2.74
C LEU B 148 -23.46 -3.36 -3.33
N ALA B 149 -24.53 -2.95 -2.67
CA ALA B 149 -25.35 -1.84 -3.17
C ALA B 149 -24.61 -0.49 -3.19
N ALA B 150 -23.73 -0.27 -2.22
CA ALA B 150 -22.92 0.94 -2.24
C ALA B 150 -22.09 0.99 -3.52
N VAL B 151 -21.50 -0.15 -3.88
CA VAL B 151 -20.74 -0.25 -5.12
C VAL B 151 -21.60 -0.09 -6.35
N ALA B 152 -22.73 -0.80 -6.36
CA ALA B 152 -23.61 -0.83 -7.52
C ALA B 152 -24.19 0.54 -7.85
N GLN B 153 -24.36 1.38 -6.84
CA GLN B 153 -24.94 2.71 -7.02
C GLN B 153 -24.08 3.55 -7.96
N LYS B 154 -22.78 3.26 -7.99
CA LYS B 154 -21.84 4.04 -8.80
C LYS B 154 -21.51 3.41 -10.15
N LEU B 155 -22.07 2.23 -10.43
CA LEU B 155 -21.77 1.52 -11.66
C LEU B 155 -22.85 1.65 -12.73
N SER B 156 -22.40 1.85 -13.97
CA SER B 156 -23.24 1.67 -15.14
C SER B 156 -23.49 0.19 -15.38
N LYS B 157 -24.53 -0.14 -16.15
CA LYS B 157 -24.83 -1.54 -16.45
C LYS B 157 -23.67 -2.21 -17.18
N GLU B 158 -23.00 -1.44 -18.04
CA GLU B 158 -21.87 -1.92 -18.81
C GLU B 158 -20.67 -2.28 -17.94
N ALA B 159 -20.49 -1.54 -16.84
CA ALA B 159 -19.36 -1.78 -15.93
C ALA B 159 -19.35 -3.21 -15.40
N TRP B 160 -20.53 -3.81 -15.31
CA TRP B 160 -20.69 -5.13 -14.72
C TRP B 160 -19.97 -6.25 -15.47
N SER B 161 -19.68 -6.04 -16.75
CA SER B 161 -18.94 -7.02 -17.51
C SER B 161 -17.52 -7.19 -16.93
N ARG B 162 -17.05 -6.19 -16.22
CA ARG B 162 -15.69 -6.22 -15.68
C ARG B 162 -15.68 -6.36 -14.15
N VAL B 163 -16.85 -6.60 -13.56
CA VAL B 163 -17.00 -6.79 -12.11
C VAL B 163 -17.09 -8.28 -11.77
N VAL B 164 -16.39 -8.67 -10.70
CA VAL B 164 -16.42 -10.02 -10.17
C VAL B 164 -16.68 -9.82 -8.69
N ILE B 165 -17.53 -10.66 -8.11
N ILE B 165 -17.55 -10.63 -8.10
CA ILE B 165 -17.82 -10.58 -6.68
CA ILE B 165 -17.80 -10.51 -6.66
C ILE B 165 -17.08 -11.70 -5.97
C ILE B 165 -17.12 -11.67 -5.96
N ALA B 166 -16.49 -11.39 -4.82
CA ALA B 166 -15.93 -12.45 -3.96
C ALA B 166 -16.62 -12.37 -2.62
N TYR B 167 -17.26 -13.46 -2.21
CA TYR B 167 -17.86 -13.54 -0.88
C TYR B 167 -16.88 -14.09 0.15
N GLU B 168 -16.60 -13.28 1.18
CA GLU B 168 -15.74 -13.75 2.27
C GLU B 168 -16.57 -14.02 3.52
N PRO B 169 -16.67 -15.29 3.93
CA PRO B 169 -17.39 -15.58 5.17
C PRO B 169 -16.50 -15.23 6.37
N VAL B 170 -16.43 -13.94 6.71
CA VAL B 170 -15.53 -13.48 7.76
C VAL B 170 -15.87 -14.17 9.08
N TRP B 171 -17.16 -14.49 9.27
CA TRP B 171 -17.63 -15.23 10.44
C TRP B 171 -16.95 -16.59 10.64
N ALA B 172 -16.34 -17.12 9.59
CA ALA B 172 -15.77 -18.47 9.64
C ALA B 172 -14.23 -18.44 9.55
N ILE B 173 -13.67 -17.26 9.46
CA ILE B 173 -12.23 -17.10 9.28
C ILE B 173 -11.55 -16.76 10.62
N GLY B 174 -10.77 -17.69 11.15
CA GLY B 174 -10.09 -17.48 12.41
C GLY B 174 -11.05 -17.53 13.59
N THR B 175 -12.23 -18.11 13.36
CA THR B 175 -13.18 -18.36 14.42
C THR B 175 -13.33 -19.87 14.46
N GLY B 176 -14.04 -20.38 15.46
CA GLY B 176 -14.29 -21.81 15.52
C GLY B 176 -15.31 -22.30 14.51
N LYS B 177 -15.97 -21.36 13.83
CA LYS B 177 -16.99 -21.69 12.85
C LYS B 177 -16.37 -22.29 11.59
N VAL B 178 -17.01 -23.32 11.05
CA VAL B 178 -16.52 -23.93 9.82
C VAL B 178 -17.63 -23.84 8.77
N ALA B 179 -17.39 -23.05 7.72
CA ALA B 179 -18.39 -22.85 6.67
C ALA B 179 -18.49 -24.10 5.81
N THR B 180 -19.73 -24.50 5.50
CA THR B 180 -19.97 -25.61 4.59
C THR B 180 -20.20 -25.09 3.16
N PRO B 181 -20.05 -25.97 2.16
CA PRO B 181 -20.36 -25.53 0.78
C PRO B 181 -21.81 -25.08 0.65
N GLN B 182 -22.69 -25.73 1.39
CA GLN B 182 -24.11 -25.38 1.40
C GLN B 182 -24.36 -23.94 1.94
N GLN B 183 -23.63 -23.55 2.99
CA GLN B 183 -23.77 -22.20 3.52
C GLN B 183 -23.17 -21.16 2.57
N ALA B 184 -22.10 -21.53 1.89
CA ALA B 184 -21.52 -20.64 0.88
C ALA B 184 -22.51 -20.44 -0.26
N GLN B 185 -23.05 -21.55 -0.77
CA GLN B 185 -24.07 -21.50 -1.81
C GLN B 185 -25.27 -20.63 -1.46
N GLU B 186 -25.70 -20.68 -0.20
CA GLU B 186 -26.81 -19.84 0.27
C GLU B 186 -26.56 -18.36 0.00
N VAL B 187 -25.35 -17.89 0.31
CA VAL B 187 -25.04 -16.48 0.14
C VAL B 187 -24.82 -16.12 -1.33
N HIS B 188 -24.14 -17.00 -2.06
CA HIS B 188 -23.91 -16.76 -3.49
C HIS B 188 -25.26 -16.65 -4.22
N GLU B 189 -26.21 -17.47 -3.82
CA GLU B 189 -27.54 -17.49 -4.43
C GLU B 189 -28.31 -16.21 -4.15
N LEU B 190 -28.25 -15.72 -2.92
CA LEU B 190 -28.94 -14.49 -2.61
C LEU B 190 -28.30 -13.29 -3.31
N LEU B 191 -26.97 -13.30 -3.43
CA LEU B 191 -26.27 -12.27 -4.19
C LEU B 191 -26.70 -12.28 -5.64
N ARG B 192 -26.73 -13.45 -6.26
CA ARG B 192 -27.11 -13.50 -7.67
C ARG B 192 -28.57 -13.12 -7.89
N ARG B 193 -29.43 -13.51 -6.96
CA ARG B 193 -30.84 -13.14 -7.01
C ARG B 193 -31.02 -11.61 -6.99
N TRP B 194 -30.26 -10.94 -6.14
CA TRP B 194 -30.36 -9.49 -6.04
C TRP B 194 -29.87 -8.86 -7.34
N VAL B 195 -28.72 -9.31 -7.85
CA VAL B 195 -28.22 -8.81 -9.13
C VAL B 195 -29.23 -9.01 -10.26
N ARG B 196 -29.85 -10.19 -10.32
CA ARG B 196 -30.86 -10.52 -11.34
C ARG B 196 -32.05 -9.56 -11.24
N SER B 197 -32.46 -9.22 -10.02
N SER B 197 -32.45 -9.25 -10.02
CA SER B 197 -33.63 -8.35 -9.83
CA SER B 197 -33.61 -8.37 -9.80
C SER B 197 -33.34 -6.89 -10.12
C SER B 197 -33.33 -6.91 -10.12
N LYS B 198 -32.08 -6.49 -9.93
CA LYS B 198 -31.67 -5.10 -10.22
C LYS B 198 -31.22 -4.84 -11.66
N LEU B 199 -30.58 -5.84 -12.26
CA LEU B 199 -29.87 -5.62 -13.53
C LEU B 199 -30.28 -6.55 -14.66
N GLY B 200 -31.08 -7.55 -14.34
CA GLY B 200 -31.60 -8.44 -15.37
C GLY B 200 -30.92 -9.79 -15.45
N THR B 201 -31.52 -10.66 -16.23
CA THR B 201 -31.03 -12.03 -16.37
C THR B 201 -29.66 -12.16 -16.99
N ASP B 202 -29.33 -11.34 -17.99
CA ASP B 202 -28.06 -11.50 -18.68
C ASP B 202 -26.88 -11.15 -17.77
N ILE B 203 -26.95 -9.99 -17.13
CA ILE B 203 -25.89 -9.60 -16.20
C ILE B 203 -25.73 -10.63 -15.08
N ALA B 204 -26.83 -11.10 -14.52
CA ALA B 204 -26.74 -12.08 -13.43
C ALA B 204 -26.14 -13.41 -13.90
N ALA B 205 -26.49 -13.83 -15.10
CA ALA B 205 -26.00 -15.09 -15.63
C ALA B 205 -24.49 -15.05 -15.93
N GLN B 206 -24.00 -13.88 -16.32
CA GLN B 206 -22.61 -13.70 -16.73
C GLN B 206 -21.69 -13.40 -15.57
N LEU B 207 -22.29 -13.04 -14.42
CA LEU B 207 -21.49 -12.56 -13.29
C LEU B 207 -20.77 -13.70 -12.60
N ARG B 208 -19.46 -13.52 -12.38
CA ARG B 208 -18.73 -14.48 -11.57
C ARG B 208 -18.82 -14.08 -10.11
N ILE B 209 -19.25 -15.01 -9.27
CA ILE B 209 -19.29 -14.84 -7.82
C ILE B 209 -18.36 -15.90 -7.25
N LEU B 210 -17.24 -15.45 -6.69
CA LEU B 210 -16.20 -16.35 -6.20
C LEU B 210 -16.31 -16.54 -4.70
N TYR B 211 -15.98 -17.75 -4.25
CA TYR B 211 -15.96 -18.01 -2.82
C TYR B 211 -14.58 -17.65 -2.27
N GLY B 212 -14.57 -16.83 -1.21
CA GLY B 212 -13.35 -16.33 -0.61
C GLY B 212 -13.17 -16.71 0.85
N GLY B 213 -13.77 -17.82 1.26
CA GLY B 213 -13.50 -18.43 2.55
C GLY B 213 -12.27 -19.30 2.43
N SER B 214 -12.13 -20.25 3.35
CA SER B 214 -11.00 -21.16 3.35
CA SER B 214 -11.00 -21.15 3.34
C SER B 214 -11.14 -22.13 2.18
N VAL B 215 -10.24 -22.00 1.21
CA VAL B 215 -10.22 -22.90 0.08
C VAL B 215 -8.91 -23.65 0.05
N THR B 216 -9.00 -24.97 -0.03
CA THR B 216 -7.82 -25.82 -0.05
C THR B 216 -8.00 -26.83 -1.17
N ALA B 217 -6.93 -27.56 -1.48
CA ALA B 217 -6.99 -28.60 -2.49
C ALA B 217 -7.90 -29.73 -2.02
N LYS B 218 -8.11 -29.80 -0.72
CA LYS B 218 -9.04 -30.78 -0.19
C LYS B 218 -10.50 -30.43 -0.50
N ASN B 219 -10.88 -29.16 -0.33
CA ASN B 219 -12.30 -28.83 -0.42
C ASN B 219 -12.76 -28.09 -1.67
N ALA B 220 -11.83 -27.76 -2.56
CA ALA B 220 -12.14 -26.91 -3.70
C ALA B 220 -13.21 -27.49 -4.62
N ARG B 221 -13.17 -28.78 -4.88
CA ARG B 221 -14.18 -29.38 -5.75
C ARG B 221 -15.55 -29.38 -5.08
N THR B 222 -15.58 -29.61 -3.78
CA THR B 222 -16.85 -29.59 -3.04
C THR B 222 -17.53 -28.22 -3.17
N LEU B 223 -16.71 -27.18 -3.26
CA LEU B 223 -17.25 -25.84 -3.39
C LEU B 223 -17.64 -25.51 -4.83
N TYR B 224 -16.79 -25.88 -5.79
CA TYR B 224 -17.10 -25.57 -7.18
C TYR B 224 -18.34 -26.31 -7.68
N GLN B 225 -18.66 -27.44 -7.06
CA GLN B 225 -19.89 -28.14 -7.42
C GLN B 225 -21.16 -27.34 -7.16
N MET B 226 -21.09 -26.37 -6.25
CA MET B 226 -22.26 -25.54 -5.95
C MET B 226 -22.68 -24.69 -7.14
N ARG B 227 -23.99 -24.55 -7.31
CA ARG B 227 -24.52 -23.95 -8.53
C ARG B 227 -24.11 -22.50 -8.78
N ASP B 228 -23.93 -21.75 -7.70
CA ASP B 228 -23.72 -20.31 -7.84
C ASP B 228 -22.30 -19.88 -7.46
N ILE B 229 -21.42 -20.85 -7.34
CA ILE B 229 -20.00 -20.58 -7.07
C ILE B 229 -19.21 -20.71 -8.35
N ASN B 230 -18.53 -19.63 -8.72
CA ASN B 230 -17.85 -19.57 -10.01
C ASN B 230 -16.33 -19.59 -9.89
N GLY B 231 -15.84 -20.03 -8.75
CA GLY B 231 -14.40 -20.10 -8.53
C GLY B 231 -14.06 -19.52 -7.18
N PHE B 232 -12.81 -19.08 -7.02
CA PHE B 232 -12.27 -18.81 -5.69
C PHE B 232 -11.38 -17.59 -5.61
N LEU B 233 -11.39 -16.95 -4.44
CA LEU B 233 -10.33 -16.03 -4.05
C LEU B 233 -9.62 -16.70 -2.89
N VAL B 234 -8.42 -17.23 -3.15
CA VAL B 234 -7.76 -18.15 -2.23
C VAL B 234 -6.68 -17.44 -1.41
N GLY B 235 -6.69 -17.68 -0.11
CA GLY B 235 -5.70 -17.12 0.81
C GLY B 235 -4.47 -18.02 0.96
N GLY B 236 -4.35 -18.64 2.13
CA GLY B 236 -3.15 -19.39 2.48
C GLY B 236 -2.69 -20.44 1.49
N ALA B 237 -3.64 -21.18 0.92
CA ALA B 237 -3.28 -22.26 0.01
C ALA B 237 -2.69 -21.75 -1.28
N SER B 238 -2.84 -20.46 -1.58
CA SER B 238 -2.32 -19.93 -2.83
C SER B 238 -0.82 -19.65 -2.73
N LEU B 239 -0.28 -19.81 -1.53
CA LEU B 239 1.17 -19.70 -1.28
C LEU B 239 1.81 -21.09 -1.25
N LYS B 240 1.16 -22.05 -1.89
CA LYS B 240 1.61 -23.45 -1.88
C LYS B 240 1.38 -24.01 -3.27
N PRO B 241 2.18 -25.03 -3.66
CA PRO B 241 2.04 -25.71 -4.95
C PRO B 241 0.63 -26.26 -5.16
N GLU B 242 -0.07 -26.59 -4.08
CA GLU B 242 -1.41 -27.17 -4.22
C GLU B 242 -2.45 -26.23 -4.83
N PHE B 243 -2.08 -24.97 -5.02
CA PHE B 243 -2.96 -24.05 -5.75
C PHE B 243 -3.25 -24.58 -7.17
N VAL B 244 -2.33 -25.33 -7.74
CA VAL B 244 -2.58 -25.97 -9.04
C VAL B 244 -3.80 -26.89 -8.98
N GLU B 245 -3.90 -27.68 -7.92
CA GLU B 245 -5.07 -28.55 -7.73
C GLU B 245 -6.37 -27.77 -7.54
N ILE B 246 -6.25 -26.60 -6.92
CA ILE B 246 -7.41 -25.72 -6.77
C ILE B 246 -7.89 -25.18 -8.12
N ILE B 247 -6.96 -24.80 -8.99
CA ILE B 247 -7.32 -24.41 -10.36
C ILE B 247 -8.00 -25.58 -11.10
N GLU B 248 -7.46 -26.79 -10.92
CA GLU B 248 -8.03 -27.97 -11.58
C GLU B 248 -9.46 -28.21 -11.12
N ALA B 249 -9.80 -27.75 -9.92
CA ALA B 249 -11.14 -27.94 -9.36
C ALA B 249 -12.22 -27.10 -10.06
N THR B 250 -11.81 -26.19 -10.93
CA THR B 250 -12.78 -25.37 -11.69
C THR B 250 -13.15 -26.00 -13.03
N LYS B 251 -12.74 -27.25 -13.23
CA LYS B 251 -13.07 -27.98 -14.46
C LYS B 251 -14.53 -28.44 -14.48
C1 GOL C . 6.17 21.54 -2.97
O1 GOL C . 5.79 21.36 -4.32
C2 GOL C . 6.08 20.20 -2.25
O2 GOL C . 5.74 19.17 -3.14
C3 GOL C . 5.05 20.26 -1.12
O3 GOL C . 5.63 20.99 -0.07
C1 GOL D . 13.21 -10.12 -12.20
O1 GOL D . 13.48 -10.83 -13.38
C2 GOL D . 12.84 -8.67 -12.52
O2 GOL D . 12.02 -8.65 -13.66
C3 GOL D . 12.04 -8.14 -11.34
O3 GOL D . 11.95 -6.72 -11.30
S SO4 E . -7.28 -18.69 4.36
O1 SO4 E . -7.36 -20.01 3.73
O2 SO4 E . -8.05 -17.73 3.58
O3 SO4 E . -7.83 -18.79 5.71
O4 SO4 E . -5.88 -18.27 4.42
#